data_2Q3B
#
_entry.id   2Q3B
#
_cell.length_a   70.991
_cell.length_b   70.991
_cell.length_c   179.624
_cell.angle_alpha   90.00
_cell.angle_beta   90.00
_cell.angle_gamma   90.00
#
_symmetry.space_group_name_H-M   'P 41 21 2'
#
loop_
_entity.id
_entity.type
_entity.pdbx_description
1 polymer 'Cysteine synthase A'
2 non-polymer 'CHLORIDE ION'
3 non-polymer (4S)-2-METHYL-2,4-PENTANEDIOL
4 water water
#
_entity_poly.entity_id   1
_entity_poly.type   'polypeptide(L)'
_entity_poly.pdbx_seq_one_letter_code
;GSHMSIAEDITQLIGRTPLVRLRRVTDGAVADIVAKLEFFNPANSV(LLP)DRIGVAMLQAAEQAGLIKPDTIILEPTSG
NTGIALAMVCAARGYRCVLTMPETMSLERRMLLRAYGAELILTPGADGMSGAIAKAEELAKTDQRYFVPQQFENPANPAI
HRVTTAEEVWRDTDGKVDIVVAGVGTGGTITGVAQVIKERKPSARFVAVEPAASPVLSGGQKGPHPIQGIGAGFVPPVLD
QDLVDEIITVGNEDALNVARRLAREEGLLVGISSGAATVAALQVARRPENAGKLIVVVLPDFGERYLSTPLFADVAD
;
_entity_poly.pdbx_strand_id   A
#
# COMPACT_ATOMS: atom_id res chain seq x y z
N MET A 4 13.56 -28.48 7.67
CA MET A 4 13.21 -28.03 6.27
C MET A 4 12.54 -26.65 6.29
N SER A 5 12.78 -25.85 5.25
CA SER A 5 12.19 -24.53 5.10
C SER A 5 11.24 -24.54 3.91
N ILE A 6 10.01 -24.98 4.17
CA ILE A 6 9.00 -25.15 3.15
C ILE A 6 7.73 -24.52 3.68
N ALA A 7 7.18 -23.54 2.95
CA ALA A 7 5.93 -22.92 3.33
C ALA A 7 4.76 -23.89 3.08
N GLU A 8 3.77 -23.88 3.97
CA GLU A 8 2.60 -24.76 3.78
C GLU A 8 1.67 -24.24 2.69
N ASP A 9 1.69 -22.92 2.49
CA ASP A 9 0.93 -22.28 1.42
C ASP A 9 1.49 -20.90 1.13
N ILE A 10 1.06 -20.33 0.01
CA ILE A 10 1.63 -19.07 -0.47
C ILE A 10 1.46 -17.92 0.53
N THR A 11 0.42 -17.95 1.36
CA THR A 11 0.20 -16.84 2.30
C THR A 11 1.27 -16.78 3.41
N GLN A 12 1.99 -17.89 3.62
CA GLN A 12 3.10 -17.89 4.57
C GLN A 12 4.35 -17.24 4.01
N LEU A 13 4.31 -16.87 2.72
CA LEU A 13 5.44 -16.26 2.04
C LEU A 13 5.18 -14.76 1.76
N ILE A 14 4.22 -14.19 2.47
CA ILE A 14 3.92 -12.77 2.34
C ILE A 14 4.82 -11.95 3.28
N GLY A 15 5.20 -10.76 2.82
CA GLY A 15 6.09 -9.87 3.60
C GLY A 15 7.54 -10.32 3.60
N ARG A 16 8.27 -9.97 4.66
CA ARG A 16 9.71 -10.16 4.73
C ARG A 16 10.42 -9.65 3.47
N THR A 17 10.10 -8.42 3.09
CA THR A 17 10.63 -7.83 1.85
C THR A 17 11.96 -7.16 2.14
N PRO A 18 12.85 -7.08 1.13
CA PRO A 18 14.17 -6.55 1.35
C PRO A 18 14.31 -5.05 1.25
N LEU A 19 15.43 -4.58 1.78
CA LEU A 19 15.86 -3.20 1.62
C LEU A 19 16.98 -3.15 0.58
N VAL A 20 16.95 -2.11 -0.25
CA VAL A 20 18.03 -1.87 -1.19
C VAL A 20 18.46 -0.40 -1.12
N ARG A 21 19.77 -0.17 -1.20
CA ARG A 21 20.32 1.19 -1.21
C ARG A 21 20.17 1.84 -2.58
N LEU A 22 19.60 3.04 -2.61
CA LEU A 22 19.57 3.85 -3.85
C LEU A 22 20.95 4.44 -4.11
N ARG A 23 21.42 4.30 -5.34
CA ARG A 23 22.79 4.69 -5.71
C ARG A 23 22.83 5.89 -6.65
N ARG A 24 21.90 5.97 -7.59
CA ARG A 24 21.92 6.97 -8.64
C ARG A 24 20.80 8.00 -8.48
N VAL A 25 19.64 7.55 -8.02
CA VAL A 25 18.51 8.44 -7.84
C VAL A 25 18.65 9.01 -6.42
N THR A 26 19.65 9.90 -6.29
CA THR A 26 20.12 10.38 -4.99
C THR A 26 20.65 11.82 -5.11
N ASP A 27 20.23 12.53 -6.17
CA ASP A 27 20.81 13.84 -6.49
C ASP A 27 20.63 14.78 -5.31
N GLY A 28 21.75 15.28 -4.79
CA GLY A 28 21.74 16.23 -3.69
C GLY A 28 21.63 15.66 -2.30
N ALA A 29 21.47 14.33 -2.20
CA ALA A 29 21.26 13.69 -0.90
C ALA A 29 22.51 13.78 -0.03
N VAL A 30 22.31 14.19 1.21
CA VAL A 30 23.33 14.08 2.25
C VAL A 30 22.99 12.98 3.27
N ALA A 31 21.78 12.41 3.16
CA ALA A 31 21.40 11.24 3.96
C ALA A 31 21.41 10.00 3.07
N ASP A 32 21.50 8.85 3.72
CA ASP A 32 21.40 7.56 3.06
C ASP A 32 19.94 7.25 2.78
N ILE A 33 19.60 6.87 1.55
CA ILE A 33 18.23 6.48 1.20
C ILE A 33 18.20 5.01 0.83
N VAL A 34 17.39 4.25 1.57
CA VAL A 34 17.20 2.84 1.28
C VAL A 34 15.70 2.58 1.06
N ALA A 35 15.40 1.75 0.07
CA ALA A 35 14.04 1.47 -0.37
C ALA A 35 13.61 0.10 0.07
N LYS A 36 12.39 0.01 0.61
CA LYS A 36 11.79 -1.25 1.01
C LYS A 36 10.91 -1.70 -0.15
N LEU A 37 11.22 -2.86 -0.69
CA LEU A 37 10.71 -3.31 -1.99
C LEU A 37 9.48 -4.21 -1.83
N GLU A 38 8.31 -3.59 -1.70
CA GLU A 38 7.09 -4.36 -1.49
C GLU A 38 6.65 -5.14 -2.72
N PHE A 39 7.28 -4.87 -3.86
CA PHE A 39 7.02 -5.70 -5.06
C PHE A 39 7.50 -7.14 -4.90
N PHE A 40 8.33 -7.41 -3.88
CA PHE A 40 8.75 -8.78 -3.61
C PHE A 40 7.66 -9.68 -3.00
N ASN A 41 6.53 -9.09 -2.58
CA ASN A 41 5.38 -9.89 -2.16
C ASN A 41 4.89 -10.77 -3.33
N PRO A 42 4.23 -11.90 -3.01
CA PRO A 42 3.86 -12.87 -4.05
C PRO A 42 3.00 -12.31 -5.18
N ALA A 43 2.11 -11.36 -4.89
CA ALA A 43 1.33 -10.76 -5.97
C ALA A 43 1.78 -9.33 -6.27
N ASN A 44 3.04 -9.03 -5.94
CA ASN A 44 3.75 -7.82 -6.37
C ASN A 44 3.32 -6.50 -5.74
N SER A 45 2.62 -6.55 -4.60
CA SER A 45 2.35 -5.31 -3.86
C SER A 45 2.28 -5.53 -2.36
N VAL A 46 2.40 -4.41 -1.66
CA VAL A 46 2.21 -4.31 -0.22
C VAL A 46 0.89 -4.85 0.30
N ASP A 48 -0.72 -7.52 -0.26
CA ASP A 48 -0.71 -8.91 0.16
C ASP A 48 -0.71 -9.03 1.70
N ARG A 49 0.03 -8.15 2.37
CA ARG A 49 0.07 -8.16 3.84
C ARG A 49 -1.31 -8.00 4.47
N ILE A 50 -2.08 -7.03 3.97
CA ILE A 50 -3.41 -6.77 4.56
C ILE A 50 -4.48 -7.73 4.06
N GLY A 51 -4.31 -8.26 2.84
CA GLY A 51 -5.22 -9.28 2.36
C GLY A 51 -5.20 -10.51 3.26
N VAL A 52 -4.01 -11.03 3.57
CA VAL A 52 -3.93 -12.15 4.51
C VAL A 52 -4.28 -11.75 5.95
N ALA A 53 -3.86 -10.56 6.38
CA ALA A 53 -4.08 -10.14 7.78
C ALA A 53 -5.56 -9.97 8.09
N MET A 54 -6.30 -9.35 7.17
CA MET A 54 -7.71 -9.15 7.39
C MET A 54 -8.50 -10.47 7.44
N LEU A 55 -8.16 -11.41 6.57
CA LEU A 55 -8.80 -12.72 6.61
C LEU A 55 -8.35 -13.54 7.83
N GLN A 56 -7.09 -13.43 8.20
CA GLN A 56 -6.58 -14.07 9.41
CA GLN A 56 -6.58 -14.08 9.39
C GLN A 56 -7.31 -13.60 10.66
N ALA A 57 -7.50 -12.28 10.77
CA ALA A 57 -8.19 -11.71 11.93
C ALA A 57 -9.65 -12.18 11.97
N ALA A 58 -10.29 -12.29 10.80
CA ALA A 58 -11.65 -12.80 10.73
C ALA A 58 -11.72 -14.24 11.17
N GLU A 59 -10.81 -15.05 10.65
CA GLU A 59 -10.71 -16.46 11.03
C GLU A 59 -10.55 -16.60 12.53
N GLN A 60 -9.61 -15.84 13.07
CA GLN A 60 -9.29 -15.90 14.50
C GLN A 60 -10.40 -15.38 15.39
N ALA A 61 -11.31 -14.61 14.81
CA ALA A 61 -12.45 -14.08 15.57
C ALA A 61 -13.72 -14.86 15.28
N GLY A 62 -13.63 -15.97 14.53
CA GLY A 62 -14.79 -16.82 14.28
C GLY A 62 -15.84 -16.17 13.37
N LEU A 63 -15.40 -15.27 12.49
CA LEU A 63 -16.32 -14.53 11.63
C LEU A 63 -16.54 -15.24 10.29
N ILE A 64 -15.67 -16.18 9.95
CA ILE A 64 -15.80 -16.93 8.71
C ILE A 64 -16.66 -18.18 8.95
N LYS A 65 -17.75 -18.29 8.21
CA LYS A 65 -18.69 -19.39 8.37
C LYS A 65 -18.58 -20.27 7.14
N PRO A 66 -19.13 -21.48 7.23
CA PRO A 66 -19.08 -22.39 6.09
C PRO A 66 -19.63 -21.86 4.77
N ASP A 67 -20.53 -20.87 4.80
CA ASP A 67 -21.10 -20.32 3.57
C ASP A 67 -20.66 -18.88 3.30
N THR A 68 -19.66 -18.42 4.04
CA THR A 68 -19.15 -17.07 3.89
C THR A 68 -18.57 -16.83 2.50
N ILE A 69 -18.88 -15.65 1.96
CA ILE A 69 -18.33 -15.15 0.70
C ILE A 69 -17.61 -13.83 1.01
N ILE A 70 -16.36 -13.74 0.59
CA ILE A 70 -15.58 -12.53 0.84
C ILE A 70 -16.01 -11.49 -0.21
N LEU A 71 -16.26 -10.26 0.24
CA LEU A 71 -16.77 -9.16 -0.60
C LEU A 71 -16.02 -7.88 -0.31
N GLU A 72 -15.48 -7.23 -1.33
CA GLU A 72 -14.84 -5.91 -1.14
C GLU A 72 -14.94 -5.07 -2.41
N PRO A 73 -15.22 -3.76 -2.26
CA PRO A 73 -15.16 -2.85 -3.41
C PRO A 73 -13.71 -2.44 -3.59
N THR A 74 -13.19 -2.56 -4.79
CA THR A 74 -11.76 -2.32 -5.00
C THR A 74 -11.42 -2.00 -6.44
N SER A 75 -10.60 -0.96 -6.62
CA SER A 75 -10.06 -0.62 -7.94
C SER A 75 -8.52 -0.72 -7.97
N GLY A 76 -7.93 -1.24 -6.91
CA GLY A 76 -6.47 -1.32 -6.82
C GLY A 76 -5.95 -2.64 -6.29
N ASN A 77 -4.79 -2.58 -5.65
CA ASN A 77 -4.05 -3.76 -5.26
C ASN A 77 -4.71 -4.66 -4.22
N THR A 78 -5.61 -4.11 -3.41
CA THR A 78 -6.26 -4.92 -2.37
C THR A 78 -7.15 -6.00 -2.98
N GLY A 79 -7.76 -5.70 -4.11
CA GLY A 79 -8.50 -6.71 -4.87
C GLY A 79 -7.62 -7.87 -5.35
N ILE A 80 -6.43 -7.55 -5.84
CA ILE A 80 -5.49 -8.57 -6.27
C ILE A 80 -5.08 -9.43 -5.05
N ALA A 81 -4.70 -8.75 -3.96
CA ALA A 81 -4.27 -9.43 -2.72
C ALA A 81 -5.38 -10.34 -2.19
N LEU A 82 -6.60 -9.82 -2.11
CA LEU A 82 -7.72 -10.66 -1.63
C LEU A 82 -7.98 -11.83 -2.57
N ALA A 83 -7.93 -11.61 -3.89
CA ALA A 83 -8.16 -12.69 -4.86
C ALA A 83 -7.16 -13.83 -4.67
N MET A 84 -5.88 -13.48 -4.55
CA MET A 84 -4.81 -14.46 -4.33
CA MET A 84 -4.83 -14.48 -4.32
C MET A 84 -4.99 -15.22 -3.00
N VAL A 85 -5.23 -14.48 -1.92
CA VAL A 85 -5.36 -15.12 -0.63
C VAL A 85 -6.60 -16.02 -0.59
N CYS A 86 -7.70 -15.58 -1.18
CA CYS A 86 -8.90 -16.40 -1.23
C CYS A 86 -8.69 -17.68 -2.03
N ALA A 87 -7.94 -17.58 -3.14
CA ALA A 87 -7.59 -18.78 -3.92
C ALA A 87 -6.81 -19.75 -3.03
N ALA A 88 -5.83 -19.24 -2.29
CA ALA A 88 -5.04 -20.12 -1.39
C ALA A 88 -5.92 -20.72 -0.30
N ARG A 89 -6.83 -19.90 0.26
CA ARG A 89 -7.72 -20.33 1.35
C ARG A 89 -8.85 -21.24 0.90
N GLY A 90 -9.21 -21.20 -0.37
CA GLY A 90 -10.39 -21.90 -0.86
C GLY A 90 -11.67 -21.13 -0.60
N TYR A 91 -11.58 -19.81 -0.50
CA TYR A 91 -12.77 -18.98 -0.26
C TYR A 91 -13.31 -18.41 -1.57
N ARG A 92 -14.63 -18.29 -1.63
CA ARG A 92 -15.27 -17.55 -2.72
C ARG A 92 -15.02 -16.07 -2.49
N CYS A 93 -14.67 -15.36 -3.55
CA CYS A 93 -14.27 -13.97 -3.50
C CYS A 93 -15.01 -13.19 -4.55
N VAL A 94 -15.76 -12.19 -4.11
CA VAL A 94 -16.52 -11.30 -4.99
C VAL A 94 -16.03 -9.88 -4.79
N LEU A 95 -15.69 -9.22 -5.90
CA LEU A 95 -15.13 -7.88 -5.88
C LEU A 95 -16.00 -6.97 -6.76
N THR A 96 -16.37 -5.82 -6.24
CA THR A 96 -17.09 -4.80 -7.02
C THR A 96 -16.13 -3.71 -7.51
N MET A 97 -16.39 -3.24 -8.71
CA MET A 97 -15.56 -2.20 -9.30
C MET A 97 -16.30 -1.59 -10.50
N PRO A 98 -15.95 -0.37 -10.89
CA PRO A 98 -16.56 0.23 -12.08
C PRO A 98 -16.28 -0.55 -13.35
N GLU A 99 -17.23 -0.55 -14.28
CA GLU A 99 -17.06 -1.22 -15.58
C GLU A 99 -15.97 -0.56 -16.44
N THR A 100 -15.43 0.56 -15.98
CA THR A 100 -14.29 1.19 -16.62
C THR A 100 -12.96 0.47 -16.34
N MET A 101 -12.93 -0.41 -15.34
CA MET A 101 -11.70 -1.17 -15.05
C MET A 101 -11.18 -1.89 -16.27
N SER A 102 -9.87 -1.89 -16.47
CA SER A 102 -9.25 -2.48 -17.65
C SER A 102 -9.51 -3.97 -17.81
N LEU A 103 -9.50 -4.44 -19.05
CA LEU A 103 -9.63 -5.89 -19.29
C LEU A 103 -8.47 -6.67 -18.67
N GLU A 104 -7.28 -6.07 -18.70
CA GLU A 104 -6.10 -6.66 -18.05
C GLU A 104 -6.33 -6.91 -16.56
N ARG A 105 -6.86 -5.91 -15.86
CA ARG A 105 -7.11 -6.06 -14.43
C ARG A 105 -8.18 -7.12 -14.19
N ARG A 106 -9.22 -7.13 -15.04
CA ARG A 106 -10.29 -8.11 -14.83
C ARG A 106 -9.76 -9.52 -15.04
N MET A 107 -8.93 -9.71 -16.06
CA MET A 107 -8.35 -11.03 -16.34
C MET A 107 -7.46 -11.51 -15.18
N LEU A 108 -6.65 -10.60 -14.63
CA LEU A 108 -5.81 -10.91 -13.46
C LEU A 108 -6.65 -11.41 -12.29
N LEU A 109 -7.70 -10.67 -11.93
CA LEU A 109 -8.56 -11.05 -10.79
C LEU A 109 -9.27 -12.37 -11.06
N ARG A 110 -9.78 -12.53 -12.30
CA ARG A 110 -10.44 -13.77 -12.70
C ARG A 110 -9.48 -14.98 -12.77
N ALA A 111 -8.20 -14.71 -13.03
CA ALA A 111 -7.19 -15.80 -13.04
C ALA A 111 -7.06 -16.44 -11.66
N TYR A 112 -7.27 -15.66 -10.62
CA TYR A 112 -7.27 -16.17 -9.26
C TYR A 112 -8.63 -16.73 -8.83
N GLY A 113 -9.60 -16.74 -9.74
CA GLY A 113 -10.92 -17.28 -9.47
C GLY A 113 -11.87 -16.31 -8.82
N ALA A 114 -11.53 -15.03 -8.74
CA ALA A 114 -12.44 -14.08 -8.13
C ALA A 114 -13.58 -13.81 -9.11
N GLU A 115 -14.72 -13.44 -8.56
CA GLU A 115 -15.92 -13.08 -9.34
C GLU A 115 -16.13 -11.59 -9.26
N LEU A 116 -16.35 -10.97 -10.42
CA LEU A 116 -16.41 -9.53 -10.53
C LEU A 116 -17.84 -9.05 -10.74
N ILE A 117 -18.22 -8.01 -10.00
CA ILE A 117 -19.47 -7.29 -10.22
C ILE A 117 -19.12 -5.88 -10.66
N LEU A 118 -19.43 -5.60 -11.92
CA LEU A 118 -19.11 -4.33 -12.56
C LEU A 118 -20.26 -3.35 -12.40
N THR A 119 -19.94 -2.16 -11.92
CA THR A 119 -20.92 -1.14 -11.58
C THR A 119 -20.84 -0.02 -12.63
N PRO A 120 -21.88 0.84 -12.72
CA PRO A 120 -21.90 1.91 -13.73
C PRO A 120 -20.64 2.79 -13.78
N GLY A 121 -20.05 2.90 -14.97
CA GLY A 121 -18.83 3.70 -15.15
C GLY A 121 -18.98 5.12 -14.64
N ALA A 122 -20.12 5.75 -14.93
CA ALA A 122 -20.36 7.12 -14.51
C ALA A 122 -20.32 7.31 -13.00
N ASP A 123 -20.71 6.27 -12.24
CA ASP A 123 -20.72 6.35 -10.78
C ASP A 123 -19.35 6.05 -10.13
N GLY A 124 -18.40 5.54 -10.90
CA GLY A 124 -17.04 5.36 -10.42
C GLY A 124 -16.97 4.48 -9.18
N MET A 125 -16.07 4.83 -8.27
CA MET A 125 -15.85 3.99 -7.09
C MET A 125 -16.97 4.12 -6.05
N SER A 126 -17.64 5.27 -6.00
CA SER A 126 -18.81 5.41 -5.11
C SER A 126 -19.88 4.39 -5.49
N GLY A 127 -20.07 4.15 -6.79
CA GLY A 127 -21.04 3.15 -7.26
C GLY A 127 -20.63 1.73 -6.86
N ALA A 128 -19.34 1.45 -6.94
CA ALA A 128 -18.82 0.14 -6.52
C ALA A 128 -19.03 -0.09 -5.02
N ILE A 129 -18.75 0.93 -4.21
CA ILE A 129 -18.94 0.86 -2.76
C ILE A 129 -20.43 0.70 -2.44
N ALA A 130 -21.27 1.48 -3.11
CA ALA A 130 -22.73 1.37 -2.94
C ALA A 130 -23.22 -0.04 -3.22
N LYS A 131 -22.73 -0.65 -4.30
CA LYS A 131 -23.13 -2.00 -4.65
C LYS A 131 -22.71 -2.99 -3.57
N ALA A 132 -21.47 -2.88 -3.08
CA ALA A 132 -21.00 -3.79 -2.04
C ALA A 132 -21.81 -3.63 -0.74
N GLU A 133 -22.12 -2.38 -0.40
CA GLU A 133 -22.95 -2.06 0.75
C GLU A 133 -24.31 -2.73 0.67
N GLU A 134 -24.93 -2.65 -0.50
CA GLU A 134 -26.25 -3.19 -0.71
C GLU A 134 -26.22 -4.72 -0.67
N LEU A 135 -25.24 -5.29 -1.36
CA LEU A 135 -25.05 -6.74 -1.36
C LEU A 135 -24.91 -7.29 0.06
N ALA A 136 -24.08 -6.62 0.86
CA ALA A 136 -23.80 -7.07 2.23
C ALA A 136 -25.01 -6.91 3.15
N LYS A 137 -25.78 -5.85 2.94
CA LYS A 137 -26.98 -5.63 3.75
C LYS A 137 -28.04 -6.68 3.49
N THR A 138 -28.16 -7.12 2.24
CA THR A 138 -29.25 -8.02 1.86
C THR A 138 -28.86 -9.51 1.85
N ASP A 139 -27.58 -9.84 2.02
CA ASP A 139 -27.13 -11.23 1.97
C ASP A 139 -26.08 -11.45 3.06
N GLN A 140 -26.47 -12.13 4.14
CA GLN A 140 -25.59 -12.22 5.32
C GLN A 140 -24.41 -13.16 5.11
N ARG A 141 -24.37 -13.88 3.99
CA ARG A 141 -23.18 -14.67 3.65
C ARG A 141 -21.93 -13.82 3.45
N TYR A 142 -22.09 -12.58 3.02
CA TYR A 142 -20.93 -11.72 2.70
C TYR A 142 -20.20 -11.27 3.94
N PHE A 143 -18.87 -11.39 3.92
CA PHE A 143 -18.00 -10.76 4.90
C PHE A 143 -17.16 -9.72 4.16
N VAL A 144 -17.23 -8.49 4.63
CA VAL A 144 -16.54 -7.36 3.99
C VAL A 144 -15.34 -6.95 4.83
N PRO A 145 -14.12 -7.15 4.29
CA PRO A 145 -12.91 -6.77 5.02
C PRO A 145 -12.82 -5.30 5.45
N GLN A 146 -13.27 -4.38 4.59
CA GLN A 146 -13.24 -2.94 4.87
C GLN A 146 -11.82 -2.42 5.12
N GLN A 147 -11.02 -2.40 4.08
CA GLN A 147 -9.59 -2.10 4.19
C GLN A 147 -9.28 -0.76 4.85
N PHE A 148 -10.18 0.23 4.71
CA PHE A 148 -9.96 1.54 5.31
C PHE A 148 -10.25 1.61 6.81
N GLU A 149 -10.98 0.63 7.35
CA GLU A 149 -11.39 0.67 8.76
C GLU A 149 -10.93 -0.53 9.58
N ASN A 150 -10.41 -1.56 8.93
CA ASN A 150 -10.07 -2.79 9.60
C ASN A 150 -8.79 -2.66 10.44
N PRO A 151 -8.88 -2.90 11.76
CA PRO A 151 -7.67 -2.73 12.59
C PRO A 151 -6.53 -3.72 12.27
N ALA A 152 -6.85 -4.81 11.58
CA ALA A 152 -5.84 -5.76 11.14
C ALA A 152 -4.87 -5.17 10.11
N ASN A 153 -5.29 -4.11 9.41
CA ASN A 153 -4.43 -3.39 8.46
C ASN A 153 -3.23 -2.75 9.16
N PRO A 154 -3.44 -1.75 10.05
CA PRO A 154 -2.24 -1.29 10.77
C PRO A 154 -1.56 -2.36 11.62
N ALA A 155 -2.33 -3.29 12.20
CA ALA A 155 -1.72 -4.33 13.04
C ALA A 155 -0.70 -5.19 12.30
N ILE A 156 -0.98 -5.61 11.07
CA ILE A 156 -0.02 -6.44 10.36
C ILE A 156 1.27 -5.64 10.09
N HIS A 157 1.12 -4.35 9.83
CA HIS A 157 2.30 -3.51 9.65
C HIS A 157 3.10 -3.34 10.93
N ARG A 158 2.44 -3.37 12.09
CA ARG A 158 3.20 -3.38 13.36
C ARG A 158 4.02 -4.65 13.53
N VAL A 159 3.40 -5.78 13.22
CA VAL A 159 3.97 -7.11 13.47
C VAL A 159 5.01 -7.54 12.45
N THR A 160 4.88 -7.04 11.21
CA THR A 160 5.72 -7.51 10.12
C THR A 160 6.55 -6.33 9.61
N THR A 161 5.92 -5.44 8.84
CA THR A 161 6.64 -4.36 8.17
C THR A 161 7.58 -3.59 9.11
N ALA A 162 7.03 -3.12 10.24
CA ALA A 162 7.81 -2.35 11.22
C ALA A 162 9.03 -3.12 11.74
N GLU A 163 8.82 -4.38 12.09
CA GLU A 163 9.90 -5.20 12.64
C GLU A 163 10.95 -5.49 11.58
N GLU A 164 10.52 -5.66 10.34
CA GLU A 164 11.46 -5.85 9.24
C GLU A 164 12.34 -4.61 9.06
N VAL A 165 11.73 -3.43 9.12
CA VAL A 165 12.49 -2.20 9.00
C VAL A 165 13.49 -2.10 10.17
N TRP A 166 13.01 -2.41 11.36
CA TRP A 166 13.82 -2.30 12.56
C TRP A 166 15.02 -3.23 12.51
N ARG A 167 14.75 -4.50 12.25
CA ARG A 167 15.80 -5.52 12.20
C ARG A 167 16.78 -5.30 11.07
N ASP A 168 16.25 -5.03 9.86
CA ASP A 168 17.12 -4.92 8.70
C ASP A 168 18.03 -3.68 8.76
N THR A 169 17.63 -2.64 9.50
CA THR A 169 18.48 -1.46 9.72
C THR A 169 19.22 -1.53 11.08
N ASP A 170 19.11 -2.65 11.78
CA ASP A 170 19.72 -2.79 13.12
C ASP A 170 19.36 -1.61 14.02
N GLY A 171 18.11 -1.17 13.93
CA GLY A 171 17.60 -0.05 14.70
C GLY A 171 18.16 1.32 14.35
N LYS A 172 18.86 1.43 13.22
CA LYS A 172 19.48 2.71 12.83
C LYS A 172 18.58 3.60 11.99
N VAL A 173 17.48 3.06 11.48
CA VAL A 173 16.48 3.89 10.80
C VAL A 173 16.19 5.19 11.57
N ASP A 174 16.29 6.31 10.85
CA ASP A 174 16.02 7.62 11.40
C ASP A 174 14.71 8.21 10.93
N ILE A 175 14.40 8.02 9.65
CA ILE A 175 13.23 8.64 9.06
C ILE A 175 12.58 7.60 8.16
N VAL A 176 11.26 7.46 8.25
CA VAL A 176 10.48 6.63 7.32
C VAL A 176 9.58 7.51 6.49
N VAL A 177 9.65 7.29 5.18
CA VAL A 177 8.87 8.05 4.21
C VAL A 177 7.91 7.07 3.52
N ALA A 178 6.63 7.38 3.54
CA ALA A 178 5.61 6.49 2.98
C ALA A 178 4.38 7.25 2.46
N GLY A 179 3.94 6.88 1.26
CA GLY A 179 2.66 7.29 0.73
C GLY A 179 1.52 6.79 1.60
N VAL A 180 0.47 7.57 1.71
CA VAL A 180 -0.73 7.22 2.47
C VAL A 180 -1.90 6.95 1.52
N GLY A 181 -2.42 5.74 1.57
CA GLY A 181 -3.67 5.38 0.94
C GLY A 181 -4.70 5.12 2.01
N THR A 182 -4.64 3.94 2.60
CA THR A 182 -5.39 3.64 3.82
C THR A 182 -4.70 4.20 5.07
N GLY A 183 -3.41 4.52 4.98
CA GLY A 183 -2.60 4.93 6.13
C GLY A 183 -2.06 3.80 6.99
N GLY A 184 -2.38 2.56 6.62
CA GLY A 184 -1.96 1.41 7.42
C GLY A 184 -0.46 1.24 7.54
N THR A 185 0.25 1.38 6.41
CA THR A 185 1.69 1.17 6.41
C THR A 185 2.38 2.18 7.33
N ILE A 186 2.13 3.47 7.11
CA ILE A 186 2.91 4.45 7.88
C ILE A 186 2.48 4.40 9.35
N THR A 187 1.22 4.09 9.59
CA THR A 187 0.69 4.06 10.98
C THR A 187 1.31 2.91 11.75
N GLY A 188 1.28 1.70 11.18
CA GLY A 188 1.82 0.54 11.88
C GLY A 188 3.31 0.64 12.13
N VAL A 189 4.03 1.13 11.14
CA VAL A 189 5.47 1.31 11.28
C VAL A 189 5.82 2.33 12.38
N ALA A 190 5.11 3.45 12.35
CA ALA A 190 5.32 4.52 13.33
C ALA A 190 4.94 4.06 14.74
N GLN A 191 3.85 3.33 14.86
CA GLN A 191 3.40 2.85 16.19
C GLN A 191 4.50 2.09 16.90
N VAL A 192 5.18 1.22 16.17
CA VAL A 192 6.23 0.39 16.74
C VAL A 192 7.53 1.18 16.86
N ILE A 193 7.94 1.83 15.78
CA ILE A 193 9.29 2.37 15.74
C ILE A 193 9.41 3.64 16.59
N LYS A 194 8.41 4.52 16.56
CA LYS A 194 8.50 5.79 17.32
C LYS A 194 8.51 5.51 18.83
N GLU A 195 7.84 4.46 19.26
CA GLU A 195 7.80 4.16 20.66
C GLU A 195 9.16 3.55 21.09
N ARG A 196 9.76 2.78 20.19
CA ARG A 196 11.05 2.13 20.43
C ARG A 196 12.22 3.10 20.30
N LYS A 197 12.06 4.08 19.41
CA LYS A 197 13.10 5.04 19.09
C LYS A 197 12.43 6.40 18.92
N PRO A 198 12.14 7.09 20.04
CA PRO A 198 11.42 8.36 20.03
C PRO A 198 11.97 9.45 19.09
N SER A 199 13.25 9.39 18.76
CA SER A 199 13.87 10.35 17.84
C SER A 199 13.47 10.12 16.38
N ALA A 200 12.95 8.93 16.06
CA ALA A 200 12.55 8.61 14.68
C ALA A 200 11.43 9.51 14.20
N ARG A 201 11.42 9.80 12.89
CA ARG A 201 10.40 10.67 12.32
C ARG A 201 9.76 10.04 11.09
N PHE A 202 8.56 10.50 10.79
CA PHE A 202 7.69 9.83 9.83
C PHE A 202 7.04 10.82 8.90
N VAL A 203 7.26 10.62 7.59
CA VAL A 203 6.83 11.59 6.58
C VAL A 203 5.78 10.95 5.70
N ALA A 204 4.57 11.49 5.74
CA ALA A 204 3.48 11.02 4.89
C ALA A 204 3.53 11.73 3.53
N VAL A 205 3.21 10.98 2.48
CA VAL A 205 3.29 11.49 1.12
C VAL A 205 1.91 11.40 0.49
N GLU A 206 1.49 12.51 -0.12
CA GLU A 206 0.21 12.57 -0.83
C GLU A 206 0.34 13.37 -2.14
N PRO A 207 -0.67 13.28 -3.02
CA PRO A 207 -0.57 14.01 -4.28
C PRO A 207 -0.82 15.50 -4.08
N ALA A 208 0.00 16.32 -4.75
CA ALA A 208 -0.22 17.76 -4.80
C ALA A 208 -1.59 18.05 -5.41
N ALA A 209 -2.03 17.18 -6.31
CA ALA A 209 -3.34 17.29 -6.97
C ALA A 209 -4.53 17.00 -6.07
N SER A 210 -4.29 16.35 -4.92
CA SER A 210 -5.36 16.04 -3.95
C SER A 210 -4.81 16.11 -2.52
N PRO A 211 -4.43 17.32 -2.08
CA PRO A 211 -3.66 17.50 -0.87
C PRO A 211 -4.49 17.59 0.41
N VAL A 212 -5.25 16.52 0.66
CA VAL A 212 -6.25 16.48 1.73
C VAL A 212 -5.62 16.48 3.11
N LEU A 213 -4.58 15.68 3.31
CA LEU A 213 -3.90 15.65 4.60
C LEU A 213 -3.26 16.99 4.93
N SER A 214 -2.85 17.70 3.89
CA SER A 214 -2.25 19.03 4.03
C SER A 214 -3.26 20.13 4.32
N GLY A 215 -4.56 19.81 4.30
CA GLY A 215 -5.62 20.78 4.58
C GLY A 215 -6.35 21.25 3.35
N GLY A 216 -5.99 20.72 2.19
CA GLY A 216 -6.59 21.14 0.93
C GLY A 216 -7.76 20.28 0.52
N GLN A 217 -8.18 20.46 -0.72
CA GLN A 217 -9.38 19.81 -1.23
C GLN A 217 -9.07 18.59 -2.10
N LYS A 218 -9.95 17.61 -2.05
CA LYS A 218 -9.88 16.44 -2.92
C LYS A 218 -9.90 16.86 -4.40
N GLY A 219 -9.14 16.14 -5.22
CA GLY A 219 -9.21 16.30 -6.68
C GLY A 219 -8.74 15.06 -7.41
N PRO A 220 -9.01 14.95 -8.72
CA PRO A 220 -8.54 13.80 -9.47
C PRO A 220 -7.03 13.79 -9.64
N HIS A 221 -6.45 12.59 -9.65
CA HIS A 221 -5.01 12.44 -9.81
C HIS A 221 -4.70 11.00 -10.21
N PRO A 222 -3.55 10.77 -10.86
CA PRO A 222 -3.17 9.48 -11.39
C PRO A 222 -2.19 8.67 -10.50
N ILE A 223 -1.93 9.14 -9.28
CA ILE A 223 -0.95 8.44 -8.42
C ILE A 223 -1.66 7.30 -7.69
N GLN A 224 -1.90 6.24 -8.43
CA GLN A 224 -2.68 5.10 -7.93
CA GLN A 224 -2.68 5.10 -7.94
C GLN A 224 -2.10 4.55 -6.64
N GLY A 225 -2.96 4.37 -5.64
CA GLY A 225 -2.59 3.79 -4.38
C GLY A 225 -2.59 4.77 -3.24
N ILE A 226 -2.41 6.06 -3.55
CA ILE A 226 -2.47 7.11 -2.54
C ILE A 226 -3.51 8.16 -2.91
N GLY A 227 -3.72 9.13 -2.03
CA GLY A 227 -4.63 10.27 -2.31
C GLY A 227 -6.08 9.80 -2.41
N ALA A 228 -6.59 9.24 -1.32
CA ALA A 228 -7.96 8.70 -1.29
C ALA A 228 -9.02 9.79 -1.33
N GLY A 229 -8.66 11.03 -1.05
CA GLY A 229 -9.63 12.14 -1.11
C GLY A 229 -10.33 12.44 0.20
N PHE A 230 -9.92 11.74 1.26
CA PHE A 230 -10.41 11.94 2.61
C PHE A 230 -9.31 11.54 3.61
N VAL A 231 -9.47 11.93 4.87
CA VAL A 231 -8.55 11.49 5.91
C VAL A 231 -8.88 10.04 6.27
N PRO A 232 -7.95 9.10 6.02
CA PRO A 232 -8.26 7.72 6.28
C PRO A 232 -8.42 7.44 7.78
N PRO A 233 -9.51 6.76 8.18
CA PRO A 233 -9.74 6.44 9.59
C PRO A 233 -8.60 5.71 10.29
N VAL A 234 -7.92 4.82 9.58
CA VAL A 234 -6.78 4.05 10.15
C VAL A 234 -5.56 4.91 10.41
N LEU A 235 -5.40 6.01 9.68
CA LEU A 235 -4.25 6.89 9.86
C LEU A 235 -4.20 7.54 11.25
N ASP A 236 -3.10 7.36 11.96
CA ASP A 236 -2.87 8.13 13.18
C ASP A 236 -2.03 9.36 12.82
N GLN A 237 -2.73 10.48 12.61
CA GLN A 237 -2.07 11.73 12.24
C GLN A 237 -1.10 12.25 13.28
N ASP A 238 -1.30 11.88 14.56
CA ASP A 238 -0.39 12.33 15.61
C ASP A 238 0.99 11.68 15.53
N LEU A 239 1.09 10.53 14.85
CA LEU A 239 2.38 9.89 14.63
C LEU A 239 3.12 10.47 13.40
N VAL A 240 2.40 11.14 12.51
CA VAL A 240 2.99 11.71 11.31
C VAL A 240 3.64 13.05 11.65
N ASP A 241 4.92 13.19 11.34
CA ASP A 241 5.69 14.40 11.66
C ASP A 241 5.66 15.46 10.57
N GLU A 242 5.42 15.02 9.33
CA GLU A 242 5.41 15.91 8.18
C GLU A 242 4.62 15.30 7.04
N ILE A 243 4.01 16.16 6.23
CA ILE A 243 3.35 15.75 4.99
C ILE A 243 4.07 16.43 3.84
N ILE A 244 4.39 15.66 2.80
CA ILE A 244 4.97 16.16 1.56
C ILE A 244 4.03 15.85 0.43
N THR A 245 3.61 16.89 -0.29
CA THR A 245 2.83 16.74 -1.50
C THR A 245 3.76 16.55 -2.68
N VAL A 246 3.33 15.73 -3.63
CA VAL A 246 4.14 15.43 -4.80
C VAL A 246 3.29 15.60 -6.05
N GLY A 247 3.85 16.32 -7.02
CA GLY A 247 3.19 16.51 -8.31
C GLY A 247 3.23 15.29 -9.18
N ASN A 248 2.27 15.22 -10.11
CA ASN A 248 2.09 14.05 -10.94
C ASN A 248 3.32 13.80 -11.81
N GLU A 249 3.84 14.88 -12.39
CA GLU A 249 4.98 14.75 -13.33
CA GLU A 249 4.96 14.74 -13.32
C GLU A 249 6.25 14.33 -12.59
N ASP A 250 6.48 14.89 -11.41
CA ASP A 250 7.66 14.50 -10.62
C ASP A 250 7.59 13.03 -10.24
N ALA A 251 6.41 12.56 -9.83
CA ALA A 251 6.22 11.17 -9.42
C ALA A 251 6.56 10.25 -10.58
N LEU A 252 6.02 10.58 -11.75
CA LEU A 252 6.25 9.80 -12.96
C LEU A 252 7.72 9.77 -13.36
N ASN A 253 8.33 10.95 -13.37
CA ASN A 253 9.72 11.11 -13.73
C ASN A 253 10.63 10.30 -12.83
N VAL A 254 10.43 10.37 -11.51
CA VAL A 254 11.26 9.60 -10.59
C VAL A 254 10.99 8.09 -10.70
N ALA A 255 9.73 7.70 -10.89
CA ALA A 255 9.43 6.29 -11.14
C ALA A 255 10.22 5.78 -12.36
N ARG A 256 10.26 6.58 -13.41
CA ARG A 256 11.06 6.27 -14.62
CA ARG A 256 11.03 6.21 -14.60
C ARG A 256 12.54 6.10 -14.29
N ARG A 257 13.07 7.03 -13.51
CA ARG A 257 14.48 7.03 -13.15
C ARG A 257 14.82 5.76 -12.33
N LEU A 258 13.96 5.39 -11.40
CA LEU A 258 14.18 4.16 -10.61
C LEU A 258 14.33 2.94 -11.51
N ALA A 259 13.46 2.83 -12.50
CA ALA A 259 13.55 1.71 -13.45
C ALA A 259 14.83 1.73 -14.27
N ARG A 260 15.13 2.88 -14.87
CA ARG A 260 16.21 3.01 -15.85
CA ARG A 260 16.22 3.04 -15.84
C ARG A 260 17.58 3.11 -15.18
N GLU A 261 17.64 3.71 -13.99
CA GLU A 261 18.90 3.95 -13.28
C GLU A 261 19.20 3.01 -12.11
N GLU A 262 18.18 2.39 -11.52
CA GLU A 262 18.37 1.43 -10.43
C GLU A 262 17.94 0.02 -10.78
N GLY A 263 17.28 -0.18 -11.91
CA GLY A 263 16.69 -1.47 -12.23
C GLY A 263 15.53 -1.85 -11.32
N LEU A 264 14.85 -0.84 -10.79
CA LEU A 264 13.70 -1.00 -9.90
C LEU A 264 12.46 -0.50 -10.62
N LEU A 265 11.73 -1.44 -11.20
CA LEU A 265 10.49 -1.15 -11.94
C LEU A 265 9.34 -1.11 -10.95
N VAL A 266 8.95 0.10 -10.59
CA VAL A 266 7.97 0.33 -9.54
C VAL A 266 6.81 1.18 -10.03
N GLY A 267 5.71 1.15 -9.28
CA GLY A 267 4.53 1.94 -9.59
C GLY A 267 4.74 3.43 -9.37
N ILE A 268 3.77 4.19 -9.83
CA ILE A 268 3.84 5.64 -9.72
CA ILE A 268 3.78 5.64 -9.72
C ILE A 268 3.85 6.12 -8.26
N SER A 269 3.15 5.44 -7.37
CA SER A 269 3.20 5.84 -5.94
C SER A 269 4.62 5.65 -5.35
N SER A 270 5.40 4.70 -5.87
CA SER A 270 6.80 4.51 -5.47
C SER A 270 7.63 5.69 -5.96
N GLY A 271 7.35 6.16 -7.18
CA GLY A 271 7.96 7.41 -7.64
C GLY A 271 7.68 8.58 -6.69
N ALA A 272 6.42 8.72 -6.30
CA ALA A 272 5.99 9.80 -5.43
C ALA A 272 6.69 9.72 -4.08
N ALA A 273 6.73 8.53 -3.50
CA ALA A 273 7.42 8.35 -2.20
C ALA A 273 8.90 8.72 -2.30
N THR A 274 9.53 8.34 -3.41
CA THR A 274 10.96 8.62 -3.62
C THR A 274 11.22 10.11 -3.87
N VAL A 275 10.31 10.80 -4.55
CA VAL A 275 10.44 12.26 -4.68
C VAL A 275 10.57 12.85 -3.27
N ALA A 276 9.67 12.46 -2.38
CA ALA A 276 9.67 12.98 -1.01
C ALA A 276 10.92 12.61 -0.23
N ALA A 277 11.34 11.35 -0.32
CA ALA A 277 12.56 10.91 0.35
C ALA A 277 13.80 11.69 -0.10
N LEU A 278 13.89 11.96 -1.40
CA LEU A 278 15.01 12.73 -1.91
CA LEU A 278 14.98 12.77 -1.98
C LEU A 278 14.98 14.18 -1.39
N GLN A 279 13.79 14.75 -1.26
CA GLN A 279 13.63 16.10 -0.69
C GLN A 279 14.12 16.14 0.74
N VAL A 280 13.64 15.22 1.56
CA VAL A 280 14.07 15.11 2.95
C VAL A 280 15.58 14.85 3.06
N ALA A 281 16.13 14.05 2.16
CA ALA A 281 17.54 13.67 2.16
C ALA A 281 18.53 14.80 1.85
N ARG A 282 18.03 15.90 1.29
CA ARG A 282 18.86 17.04 0.92
C ARG A 282 19.03 18.04 2.05
N ARG A 283 18.28 17.85 3.13
CA ARG A 283 18.29 18.79 4.24
C ARG A 283 19.56 18.60 5.07
N PRO A 284 20.36 19.67 5.22
CA PRO A 284 21.63 19.57 5.96
C PRO A 284 21.50 18.94 7.36
N GLU A 285 20.37 19.18 8.03
CA GLU A 285 20.14 18.60 9.36
C GLU A 285 20.00 17.07 9.31
N ASN A 286 19.79 16.54 8.12
CA ASN A 286 19.69 15.08 7.94
C ASN A 286 20.96 14.41 7.45
N ALA A 287 22.06 15.17 7.38
CA ALA A 287 23.32 14.60 6.95
C ALA A 287 23.64 13.38 7.81
N GLY A 288 23.99 12.28 7.15
CA GLY A 288 24.36 11.04 7.86
C GLY A 288 23.22 10.14 8.33
N LYS A 289 21.98 10.64 8.25
CA LYS A 289 20.84 9.89 8.72
C LYS A 289 20.46 8.78 7.72
N LEU A 290 19.68 7.82 8.20
CA LEU A 290 19.19 6.72 7.39
C LEU A 290 17.68 6.90 7.16
N ILE A 291 17.33 7.09 5.89
CA ILE A 291 15.96 7.26 5.48
C ILE A 291 15.53 5.95 4.81
N VAL A 292 14.42 5.40 5.27
CA VAL A 292 13.79 4.25 4.61
C VAL A 292 12.54 4.73 3.91
N VAL A 293 12.46 4.49 2.60
CA VAL A 293 11.31 4.83 1.81
C VAL A 293 10.59 3.54 1.35
N VAL A 294 9.29 3.47 1.58
CA VAL A 294 8.49 2.33 1.16
C VAL A 294 8.09 2.47 -0.31
N LEU A 295 8.40 1.45 -1.11
CA LEU A 295 7.99 1.38 -2.52
C LEU A 295 6.88 0.32 -2.64
N PRO A 296 5.61 0.74 -2.68
CA PRO A 296 4.49 -0.22 -2.51
C PRO A 296 4.28 -1.30 -3.57
N ASP A 297 4.64 -1.08 -4.84
CA ASP A 297 4.35 -2.10 -5.83
C ASP A 297 5.25 -2.09 -7.07
N PHE A 298 5.02 -3.08 -7.95
CA PHE A 298 5.80 -3.32 -9.15
C PHE A 298 5.19 -2.45 -10.27
N GLY A 299 6.00 -2.02 -11.21
CA GLY A 299 5.58 -1.04 -12.22
C GLY A 299 4.96 -1.65 -13.47
N GLU A 300 5.08 -2.96 -13.65
CA GLU A 300 4.70 -3.59 -14.92
C GLU A 300 3.21 -3.40 -15.23
N ARG A 301 2.37 -3.39 -14.19
CA ARG A 301 0.92 -3.15 -14.36
C ARG A 301 0.54 -1.76 -14.86
N TYR A 302 1.45 -0.80 -14.78
CA TYR A 302 1.17 0.58 -15.09
C TYR A 302 1.59 0.94 -16.51
N LEU A 303 2.16 0.00 -17.23
CA LEU A 303 2.76 0.30 -18.55
C LEU A 303 1.67 0.55 -19.61
#